data_1E5S
#
_entry.id   1E5S
#
_cell.length_a   72.780
_cell.length_b   72.780
_cell.length_c   224.900
_cell.angle_alpha   90.00
_cell.angle_beta   90.00
_cell.angle_gamma   120.00
#
_symmetry.space_group_name_H-M   'P 31 2 1'
#
loop_
_entity.id
_entity.type
_entity.pdbx_description
1 polymer 'PROLINE OXIDASE'
2 non-polymer 'SULFATE ION'
3 non-polymer 'FE (II) ION'
4 water water
#
_entity_poly.entity_id   1
_entity_poly.type   'polypeptide(L)'
_entity_poly.pdbx_seq_one_letter_code
;MRSHILGKIELDQTRLAPDLAYLAAVPTVEEEYDEFSNGFWKHVPLWNASGDSEDRLYRDLKDAAAQPTAHVEHVPYLKE
IVTTVFDGTHLQMARSRNLKNAIVIPHRDFVELDREVDRYFRTFMVLEDSPLAFHSNEDTVIHMRPGEIWFLDAATVHSA
VNFSEISRQSLCVDFAFDGPFDEKEIFADATLYAPGSTPDLPERRPFTAEHRRRILSLGQVIERENFRDILFLLSKVHYK
YDVHPSETYDWLIEISKQAGDEKMVVKAEQIRDFAVEARALSERFSLTSW
;
_entity_poly.pdbx_strand_id   A,B
#
loop_
_chem_comp.id
_chem_comp.type
_chem_comp.name
_chem_comp.formula
FE2 non-polymer 'FE (II) ION' 'Fe 2'
SO4 non-polymer 'SULFATE ION' 'O4 S -2'
#
# COMPACT_ATOMS: atom_id res chain seq x y z
N MET A 1 -7.43 10.00 -1.98
CA MET A 1 -7.59 9.85 -3.48
C MET A 1 -6.21 10.09 -4.13
N ARG A 2 -5.91 9.36 -5.20
CA ARG A 2 -4.62 9.47 -5.85
C ARG A 2 -4.43 10.77 -6.61
N SER A 3 -3.17 11.14 -6.77
CA SER A 3 -2.78 12.35 -7.45
C SER A 3 -2.90 12.27 -8.97
N HIS A 4 -3.35 13.36 -9.56
CA HIS A 4 -3.55 13.44 -11.02
C HIS A 4 -3.76 14.85 -11.56
N ILE A 5 -3.40 15.01 -12.83
CA ILE A 5 -3.59 16.28 -13.51
C ILE A 5 -5.12 16.50 -13.69
N LEU A 6 -5.54 17.75 -13.43
CA LEU A 6 -6.91 18.22 -13.56
C LEU A 6 -7.11 18.96 -14.89
N GLY A 7 -6.03 19.58 -15.37
CA GLY A 7 -6.07 20.35 -16.59
C GLY A 7 -4.69 20.90 -16.91
N LYS A 8 -4.62 21.88 -17.81
CA LYS A 8 -3.35 22.42 -18.21
C LYS A 8 -3.33 23.78 -18.93
N ILE A 9 -3.50 24.90 -18.23
CA ILE A 9 -3.43 26.19 -18.92
C ILE A 9 -2.02 26.52 -19.44
N GLU A 10 -1.93 27.31 -20.52
CA GLU A 10 -0.64 27.67 -21.10
C GLU A 10 -0.17 28.94 -20.42
N LEU A 11 1.14 29.04 -20.15
CA LEU A 11 1.63 30.23 -19.45
C LEU A 11 2.37 31.21 -20.31
N ASP A 12 1.92 32.46 -20.19
CA ASP A 12 2.48 33.61 -20.90
C ASP A 12 3.78 34.05 -20.20
N GLN A 13 4.92 33.49 -20.61
CA GLN A 13 6.22 33.79 -20.03
C GLN A 13 6.47 35.25 -19.66
N THR A 14 6.57 36.11 -20.67
CA THR A 14 6.82 37.55 -20.50
C THR A 14 5.73 38.26 -19.69
N ARG A 15 4.51 37.83 -19.85
CA ARG A 15 3.42 38.44 -19.10
C ARG A 15 3.48 37.99 -17.65
N LEU A 16 4.31 36.98 -17.42
CA LEU A 16 4.43 36.39 -16.12
C LEU A 16 5.81 36.58 -15.48
N ALA A 17 6.81 36.98 -16.25
CA ALA A 17 8.13 37.20 -15.68
C ALA A 17 8.09 38.20 -14.49
N PRO A 18 7.55 39.43 -14.70
CA PRO A 18 7.46 40.43 -13.63
C PRO A 18 6.73 39.95 -12.37
N ASP A 19 5.83 38.98 -12.51
CA ASP A 19 5.11 38.44 -11.35
C ASP A 19 5.98 37.54 -10.46
N LEU A 20 6.93 36.85 -11.10
CA LEU A 20 7.85 35.97 -10.42
C LEU A 20 8.92 36.88 -9.81
N ALA A 21 9.21 38.01 -10.46
CA ALA A 21 10.23 38.95 -9.98
C ALA A 21 9.75 39.50 -8.65
N TYR A 22 8.49 39.88 -8.66
CA TYR A 22 7.84 40.40 -7.49
C TYR A 22 7.94 39.36 -6.37
N LEU A 23 7.32 38.19 -6.61
CA LEU A 23 7.27 37.08 -5.64
C LEU A 23 8.61 36.71 -5.08
N ALA A 24 9.64 36.76 -5.89
CA ALA A 24 10.97 36.46 -5.43
C ALA A 24 11.51 37.56 -4.51
N ALA A 25 11.01 38.78 -4.63
CA ALA A 25 11.52 39.83 -3.79
C ALA A 25 10.61 40.10 -2.59
N VAL A 26 9.32 39.84 -2.69
CA VAL A 26 8.46 40.05 -1.52
C VAL A 26 9.16 39.41 -0.31
N PRO A 27 9.17 40.13 0.84
CA PRO A 27 9.86 39.52 1.99
C PRO A 27 9.12 38.59 2.92
N THR A 28 7.79 38.70 3.01
CA THR A 28 6.99 37.87 3.94
C THR A 28 7.65 37.69 5.33
N VAL A 29 6.86 37.27 6.33
CA VAL A 29 7.38 37.08 7.69
C VAL A 29 8.42 35.94 7.85
N GLU A 30 8.84 35.64 9.08
CA GLU A 30 9.82 34.56 9.29
C GLU A 30 9.35 33.50 10.29
N GLU A 35 11.62 23.87 11.38
CA GLU A 35 11.17 22.85 12.31
C GLU A 35 11.82 21.51 11.97
N PHE A 36 11.32 20.94 10.89
CA PHE A 36 11.79 19.70 10.35
C PHE A 36 12.14 20.17 8.94
N SER A 37 12.19 21.50 8.75
CA SER A 37 12.51 22.13 7.46
C SER A 37 13.98 22.18 7.14
N ASN A 38 14.31 22.20 5.87
CA ASN A 38 15.68 22.39 5.41
C ASN A 38 15.65 23.25 4.15
N GLY A 39 16.81 23.58 3.63
CA GLY A 39 16.87 24.41 2.46
C GLY A 39 15.93 25.59 2.43
N PHE A 40 15.83 26.18 1.23
CA PHE A 40 15.00 27.32 0.92
C PHE A 40 13.56 26.90 0.53
N TRP A 41 12.58 27.51 1.20
CA TRP A 41 11.12 27.31 0.95
C TRP A 41 10.56 28.73 1.17
N LYS A 42 9.39 29.07 0.67
CA LYS A 42 8.88 30.44 0.85
C LYS A 42 7.45 30.54 0.41
N HIS A 43 6.62 31.29 1.10
CA HIS A 43 5.24 31.38 0.69
C HIS A 43 4.86 32.84 0.62
N VAL A 44 3.92 33.15 -0.23
CA VAL A 44 3.38 34.49 -0.36
C VAL A 44 1.86 34.24 -0.50
N PRO A 45 1.07 34.38 0.60
CA PRO A 45 -0.38 34.15 0.51
C PRO A 45 -1.06 35.18 -0.35
N LEU A 46 -1.78 34.69 -1.37
CA LEU A 46 -2.50 35.51 -2.36
C LEU A 46 -4.00 35.62 -2.06
N TRP A 47 -4.55 34.59 -1.46
CA TRP A 47 -5.94 34.61 -1.07
C TRP A 47 -5.98 33.90 0.25
N ASN A 48 -6.77 34.38 1.18
CA ASN A 48 -6.76 33.78 2.49
C ASN A 48 -8.13 33.66 3.15
N GLN A 67 -10.52 36.55 0.82
CA GLN A 67 -10.31 37.98 0.65
C GLN A 67 -8.85 38.22 0.28
N PRO A 68 -8.60 38.77 -0.92
CA PRO A 68 -7.26 39.07 -1.43
C PRO A 68 -6.24 39.58 -0.40
N THR A 69 -5.08 39.96 -0.93
CA THR A 69 -3.98 40.40 -0.09
C THR A 69 -3.22 41.51 -0.77
N ALA A 70 -2.48 42.29 0.01
CA ALA A 70 -1.70 43.39 -0.56
C ALA A 70 -0.89 42.95 -1.77
N HIS A 71 -0.73 41.65 -1.96
CA HIS A 71 0.07 41.17 -3.06
C HIS A 71 -0.69 41.06 -4.37
N VAL A 72 -1.91 40.53 -4.30
CA VAL A 72 -2.70 40.32 -5.51
C VAL A 72 -2.46 41.41 -6.54
N GLU A 73 -2.97 42.59 -6.23
CA GLU A 73 -2.84 43.75 -7.11
C GLU A 73 -1.39 43.93 -7.52
N HIS A 74 -0.49 43.57 -6.62
CA HIS A 74 0.91 43.71 -6.93
C HIS A 74 1.37 42.67 -7.93
N VAL A 75 1.75 43.16 -9.10
CA VAL A 75 2.19 42.33 -10.20
C VAL A 75 1.14 41.19 -10.31
N PRO A 76 0.08 41.46 -11.10
CA PRO A 76 -1.14 40.72 -11.48
C PRO A 76 -1.01 39.33 -12.06
N TYR A 77 -1.39 39.23 -13.33
CA TYR A 77 -1.38 37.99 -14.12
C TYR A 77 -1.87 36.73 -13.40
N LEU A 78 -1.26 36.41 -12.27
CA LEU A 78 -1.67 35.25 -11.52
C LEU A 78 -3.06 35.59 -11.04
N LYS A 79 -3.25 36.87 -10.73
CA LYS A 79 -4.54 37.39 -10.27
C LYS A 79 -5.61 36.99 -11.28
N GLU A 80 -5.26 37.15 -12.54
CA GLU A 80 -6.14 36.80 -13.63
C GLU A 80 -6.39 35.32 -13.49
N ILE A 81 -5.34 34.54 -13.69
CA ILE A 81 -5.46 33.09 -13.62
C ILE A 81 -6.35 32.63 -12.47
N VAL A 82 -6.00 32.85 -11.21
CA VAL A 82 -6.88 32.35 -10.17
C VAL A 82 -8.33 32.87 -10.24
N THR A 83 -8.54 33.95 -11.01
CA THR A 83 -9.88 34.53 -11.16
C THR A 83 -10.57 34.09 -12.47
N THR A 84 -9.77 33.87 -13.53
CA THR A 84 -10.29 33.45 -14.82
C THR A 84 -10.41 31.92 -14.95
N VAL A 85 -9.55 31.17 -14.27
CA VAL A 85 -9.63 29.72 -14.34
C VAL A 85 -10.45 29.05 -13.27
N PHE A 86 -10.33 29.45 -12.00
CA PHE A 86 -11.08 28.76 -10.94
C PHE A 86 -12.32 29.44 -10.40
N ASP A 87 -12.75 28.94 -9.24
CA ASP A 87 -13.85 29.46 -8.43
C ASP A 87 -14.93 28.57 -7.85
N GLY A 88 -16.18 29.04 -7.92
CA GLY A 88 -17.29 28.34 -7.30
C GLY A 88 -17.38 29.06 -5.96
N THR A 89 -18.56 29.11 -5.34
CA THR A 89 -18.64 29.86 -4.09
C THR A 89 -17.52 29.51 -3.09
N HIS A 90 -16.76 28.44 -3.33
CA HIS A 90 -15.72 28.13 -2.36
C HIS A 90 -14.35 27.63 -2.85
N LEU A 91 -13.32 28.33 -2.36
CA LEU A 91 -11.89 28.07 -2.62
C LEU A 91 -11.29 28.77 -1.39
N GLN A 92 -10.90 27.99 -0.40
CA GLN A 92 -10.39 28.55 0.82
C GLN A 92 -8.89 28.87 0.94
N MET A 93 -8.24 29.36 -0.12
CA MET A 93 -6.81 29.69 -0.07
C MET A 93 -6.19 30.06 -1.41
N ALA A 94 -4.88 30.26 -1.40
CA ALA A 94 -4.08 30.58 -2.59
C ALA A 94 -2.76 31.18 -2.14
N ARG A 95 -1.66 30.69 -2.70
CA ARG A 95 -0.34 31.19 -2.34
C ARG A 95 0.77 30.79 -3.29
N SER A 96 1.87 31.54 -3.29
CA SER A 96 3.00 31.19 -4.10
C SER A 96 3.67 30.11 -3.23
N ARG A 97 4.55 29.34 -3.79
CA ARG A 97 5.23 28.35 -2.99
C ARG A 97 6.45 27.97 -3.79
N ASN A 98 7.60 28.42 -3.31
CA ASN A 98 8.86 28.11 -3.97
C ASN A 98 9.69 27.21 -3.05
N LEU A 99 10.62 26.48 -3.62
CA LEU A 99 11.42 25.56 -2.87
C LEU A 99 12.68 25.38 -3.68
N LYS A 100 13.83 25.65 -3.10
CA LYS A 100 15.10 25.41 -3.83
C LYS A 100 16.00 24.55 -2.95
N ASN A 101 16.67 23.57 -3.54
CA ASN A 101 17.62 22.75 -2.79
C ASN A 101 17.15 22.31 -1.40
N ALA A 102 15.94 21.78 -1.37
CA ALA A 102 15.30 21.33 -0.15
C ALA A 102 14.49 20.05 -0.34
N ILE A 103 14.15 19.48 0.82
CA ILE A 103 13.29 18.35 0.83
C ILE A 103 12.32 18.48 1.97
N VAL A 104 11.05 18.16 1.78
CA VAL A 104 10.17 18.20 2.93
C VAL A 104 9.90 16.73 3.20
N ILE A 105 10.22 16.24 4.40
CA ILE A 105 10.02 14.87 4.70
C ILE A 105 8.59 14.41 4.42
N PRO A 106 8.43 13.13 4.02
CA PRO A 106 7.16 12.51 3.70
C PRO A 106 6.26 12.59 4.92
N HIS A 107 4.98 12.90 4.72
CA HIS A 107 4.09 13.03 5.86
C HIS A 107 2.64 13.29 5.39
N ARG A 108 1.66 12.87 6.16
CA ARG A 108 0.30 13.24 5.80
C ARG A 108 -0.06 14.50 6.62
N ASP A 109 -0.94 15.38 6.09
CA ASP A 109 -1.25 16.56 6.89
C ASP A 109 -2.22 16.24 8.02
N PHE A 110 -2.89 15.10 7.92
CA PHE A 110 -3.82 14.66 8.98
C PHE A 110 -4.40 13.24 8.81
N ARG A 119 -12.44 16.01 3.71
CA ARG A 119 -12.40 16.49 2.33
C ARG A 119 -11.92 17.95 2.22
N TYR A 120 -10.65 18.10 1.89
CA TYR A 120 -10.01 19.40 1.79
C TYR A 120 -9.23 19.33 0.47
N PHE A 121 -9.88 19.65 -0.66
CA PHE A 121 -9.21 19.56 -1.98
C PHE A 121 -7.87 20.32 -1.95
N ARG A 122 -7.22 20.48 -3.10
CA ARG A 122 -5.94 21.21 -3.15
C ARG A 122 -5.25 21.12 -4.49
N THR A 123 -5.07 22.26 -5.13
CA THR A 123 -4.47 22.25 -6.44
C THR A 123 -3.12 22.90 -6.47
N PHE A 124 -2.24 22.33 -7.28
CA PHE A 124 -0.86 22.79 -7.37
C PHE A 124 -0.49 23.06 -8.83
N MET A 125 0.12 24.20 -9.10
CA MET A 125 0.53 24.51 -10.47
C MET A 125 1.95 25.13 -10.48
N VAL A 126 2.96 24.40 -10.94
CA VAL A 126 4.31 24.97 -10.96
C VAL A 126 4.34 26.02 -12.05
N LEU A 127 4.99 27.13 -11.79
CA LEU A 127 5.04 28.21 -12.78
C LEU A 127 6.32 28.32 -13.57
N GLU A 128 7.29 27.45 -13.37
CA GLU A 128 8.53 27.63 -14.11
C GLU A 128 9.16 26.29 -14.29
N ASP A 129 10.07 26.21 -15.26
CA ASP A 129 10.76 24.96 -15.48
C ASP A 129 11.93 24.65 -14.54
N SER A 130 11.69 23.82 -13.54
CA SER A 130 12.70 23.41 -12.58
C SER A 130 12.80 21.90 -12.78
N PRO A 131 13.83 21.42 -13.51
CA PRO A 131 14.06 20.00 -13.81
C PRO A 131 14.30 19.00 -12.70
N LEU A 132 15.05 19.36 -11.65
CA LEU A 132 15.30 18.42 -10.57
C LEU A 132 14.30 18.61 -9.40
N ALA A 133 13.15 19.15 -9.74
CA ALA A 133 12.10 19.42 -8.76
C ALA A 133 11.02 18.34 -8.94
N PHE A 134 10.68 17.60 -7.89
CA PHE A 134 9.69 16.51 -7.90
C PHE A 134 8.74 16.53 -6.69
N HIS A 135 7.71 15.68 -6.75
CA HIS A 135 6.70 15.50 -5.70
C HIS A 135 6.42 14.02 -5.57
N SER A 136 5.96 13.59 -4.40
CA SER A 136 5.65 12.19 -4.24
C SER A 136 4.39 12.13 -3.38
N ASN A 137 3.64 11.05 -3.52
CA ASN A 137 2.37 10.87 -2.82
C ASN A 137 2.06 9.39 -2.83
N GLU A 138 2.15 8.77 -1.67
CA GLU A 138 1.98 7.31 -1.56
C GLU A 138 2.87 6.63 -2.57
N ASP A 139 2.34 5.87 -3.52
CA ASP A 139 3.28 5.17 -4.38
C ASP A 139 3.75 5.90 -5.61
N THR A 140 3.42 7.15 -5.75
CA THR A 140 3.84 7.78 -6.95
C THR A 140 4.84 8.89 -6.77
N VAL A 141 5.64 9.09 -7.80
CA VAL A 141 6.61 10.15 -7.91
C VAL A 141 6.30 10.88 -9.22
N ILE A 142 6.05 12.19 -9.11
CA ILE A 142 5.72 13.02 -10.26
C ILE A 142 6.67 14.19 -10.51
N HIS A 143 6.74 14.64 -11.75
CA HIS A 143 7.50 15.81 -12.09
C HIS A 143 6.47 16.73 -12.69
N MET A 144 6.06 17.77 -11.97
CA MET A 144 5.10 18.71 -12.49
C MET A 144 5.75 19.62 -13.53
N ARG A 145 5.04 19.87 -14.64
CA ARG A 145 5.55 20.75 -15.73
C ARG A 145 4.77 22.07 -15.72
N PRO A 146 5.41 23.14 -16.20
CA PRO A 146 4.74 24.46 -16.21
C PRO A 146 3.33 24.43 -16.80
N GLY A 147 2.39 25.02 -16.07
CA GLY A 147 1.02 25.03 -16.51
C GLY A 147 0.08 23.94 -15.99
N GLU A 148 0.57 22.74 -15.74
CA GLU A 148 -0.36 21.72 -15.27
C GLU A 148 -0.99 22.02 -13.92
N ILE A 149 -2.28 21.67 -13.80
CA ILE A 149 -2.94 21.87 -12.53
C ILE A 149 -3.15 20.48 -11.95
N TRP A 150 -2.42 20.16 -10.86
CA TRP A 150 -2.53 18.83 -10.25
C TRP A 150 -3.41 18.82 -9.05
N PHE A 151 -4.01 17.66 -8.76
CA PHE A 151 -4.84 17.51 -7.56
C PHE A 151 -3.93 16.71 -6.65
N LEU A 152 -3.82 17.13 -5.39
CA LEU A 152 -2.95 16.46 -4.44
C LEU A 152 -3.76 16.21 -3.24
N ASP A 153 -3.58 15.05 -2.62
CA ASP A 153 -4.39 14.80 -1.43
C ASP A 153 -3.59 14.96 -0.13
N ALA A 154 -4.20 15.74 0.75
CA ALA A 154 -3.59 16.09 2.03
C ALA A 154 -3.47 14.96 3.03
N ALA A 155 -4.48 14.11 3.00
CA ALA A 155 -4.65 12.97 3.86
C ALA A 155 -3.72 11.81 3.55
N THR A 156 -2.88 11.97 2.54
CA THR A 156 -2.01 10.87 2.20
C THR A 156 -0.57 11.25 2.46
N VAL A 157 0.33 10.30 2.36
CA VAL A 157 1.70 10.63 2.64
C VAL A 157 2.35 11.21 1.44
N HIS A 158 2.69 12.47 1.57
CA HIS A 158 3.34 13.23 0.53
C HIS A 158 4.70 13.89 0.93
N SER A 159 5.38 14.39 -0.08
CA SER A 159 6.66 15.01 0.08
C SER A 159 6.98 15.85 -1.18
N ALA A 160 7.94 16.78 -1.09
CA ALA A 160 8.32 17.60 -2.22
C ALA A 160 9.81 17.79 -2.07
N VAL A 161 10.47 18.01 -3.20
CA VAL A 161 11.92 18.20 -3.19
C VAL A 161 12.47 19.01 -4.38
N ASN A 162 13.62 19.59 -4.16
CA ASN A 162 14.30 20.26 -5.23
C ASN A 162 15.73 19.92 -5.02
N PHE A 163 16.23 19.08 -5.89
CA PHE A 163 17.63 18.63 -5.85
C PHE A 163 18.60 19.67 -6.38
N SER A 164 18.10 20.85 -6.74
CA SER A 164 18.98 21.90 -7.26
C SER A 164 18.47 23.28 -6.84
N GLU A 165 19.26 24.33 -7.14
CA GLU A 165 18.94 25.69 -6.77
C GLU A 165 18.09 26.37 -7.79
N ILE A 166 17.74 25.68 -8.87
CA ILE A 166 16.88 26.32 -9.86
C ILE A 166 15.46 26.59 -9.28
N SER A 167 14.99 27.82 -9.43
CA SER A 167 13.70 28.26 -8.90
C SER A 167 12.55 27.38 -9.32
N ARG A 168 11.53 27.24 -8.45
CA ARG A 168 10.36 26.38 -8.68
C ARG A 168 9.13 27.02 -8.08
N GLN A 169 8.84 28.24 -8.50
CA GLN A 169 7.70 28.97 -8.02
C GLN A 169 6.42 28.28 -8.52
N SER A 170 5.45 28.16 -7.63
CA SER A 170 4.22 27.48 -7.87
C SER A 170 3.05 28.22 -7.28
N LEU A 171 1.88 27.98 -7.86
CA LEU A 171 0.67 28.60 -7.39
C LEU A 171 -0.05 27.44 -6.81
N CYS A 172 -0.62 27.61 -5.62
CA CYS A 172 -1.34 26.59 -4.88
C CYS A 172 -2.72 27.17 -4.48
N VAL A 173 -3.78 26.43 -4.80
CA VAL A 173 -5.16 26.85 -4.57
C VAL A 173 -5.95 25.71 -3.96
N ASP A 174 -6.39 25.86 -2.72
CA ASP A 174 -7.17 24.83 -2.04
C ASP A 174 -8.68 25.09 -2.16
N PHE A 175 -9.46 24.02 -2.25
CA PHE A 175 -10.90 24.21 -2.36
C PHE A 175 -11.66 23.64 -1.19
N ALA A 176 -12.76 24.32 -0.87
CA ALA A 176 -13.60 23.95 0.25
C ALA A 176 -14.82 23.14 -0.14
N PHE A 177 -14.93 21.98 0.50
CA PHE A 177 -16.04 21.04 0.28
C PHE A 177 -16.33 20.12 1.47
N ASP A 178 -17.44 19.41 1.27
CA ASP A 178 -18.07 18.40 2.13
C ASP A 178 -19.51 18.61 1.71
N GLY A 179 -19.66 19.38 0.63
CA GLY A 179 -20.94 19.66 0.02
C GLY A 179 -20.79 18.99 -1.35
N PRO A 180 -20.58 17.63 -1.37
CA PRO A 180 -20.38 16.72 -2.51
C PRO A 180 -20.07 17.28 -3.92
N PHE A 181 -18.91 16.88 -4.45
CA PHE A 181 -18.44 17.37 -5.74
C PHE A 181 -17.83 16.39 -6.74
N ASP A 182 -17.51 16.98 -7.88
CA ASP A 182 -16.87 16.34 -9.01
C ASP A 182 -15.69 17.27 -9.23
N GLU A 183 -14.49 16.73 -9.34
CA GLU A 183 -13.34 17.59 -9.51
C GLU A 183 -13.47 18.59 -10.63
N LYS A 184 -14.46 18.45 -11.50
CA LYS A 184 -14.64 19.43 -12.61
C LYS A 184 -15.15 20.78 -12.05
N GLU A 185 -16.04 20.72 -11.07
CA GLU A 185 -16.61 21.90 -10.46
C GLU A 185 -15.68 22.65 -9.52
N ILE A 186 -14.48 22.98 -9.99
CA ILE A 186 -13.58 23.79 -9.19
C ILE A 186 -13.19 24.81 -10.23
N PHE A 187 -13.58 24.52 -11.46
CA PHE A 187 -13.30 25.43 -12.56
C PHE A 187 -14.48 26.39 -12.77
N ALA A 188 -14.15 27.62 -13.17
CA ALA A 188 -15.14 28.65 -13.50
C ALA A 188 -14.79 28.76 -14.97
N ASP A 189 -15.42 27.87 -15.72
CA ASP A 189 -15.24 27.65 -17.15
C ASP A 189 -14.85 26.18 -17.06
N ALA A 190 -15.59 25.31 -17.74
CA ALA A 190 -15.29 23.90 -17.67
C ALA A 190 -14.56 23.38 -18.89
N THR A 191 -14.04 24.27 -19.73
CA THR A 191 -13.31 23.79 -20.89
C THR A 191 -11.85 23.55 -20.53
N LEU A 192 -11.40 24.22 -19.46
CA LEU A 192 -10.02 24.11 -18.98
C LEU A 192 -9.71 22.71 -18.51
N TYR A 193 -10.75 22.06 -18.01
CA TYR A 193 -10.70 20.68 -17.50
C TYR A 193 -10.37 19.67 -18.56
N ALA A 194 -9.17 19.13 -18.43
CA ALA A 194 -8.64 18.13 -19.33
C ALA A 194 -7.93 17.15 -18.42
N PRO A 195 -8.65 16.13 -17.93
CA PRO A 195 -8.21 15.05 -17.04
C PRO A 195 -7.45 13.89 -17.66
N GLY A 196 -6.96 14.05 -18.87
CA GLY A 196 -6.28 12.91 -19.42
C GLY A 196 -4.89 13.18 -19.87
N SER A 197 -4.42 14.41 -19.68
CA SER A 197 -3.06 14.80 -20.09
C SER A 197 -2.13 13.79 -19.44
N THR A 198 -1.18 13.27 -20.19
CA THR A 198 -0.32 12.29 -19.54
C THR A 198 0.71 12.99 -18.60
N PRO A 199 1.00 12.39 -17.44
CA PRO A 199 1.98 13.04 -16.54
C PRO A 199 3.42 12.59 -16.73
N ASP A 200 4.37 13.41 -16.32
CA ASP A 200 5.79 13.01 -16.41
C ASP A 200 6.00 12.21 -15.10
N LEU A 201 6.10 10.89 -15.25
CA LEU A 201 6.30 9.97 -14.16
C LEU A 201 7.68 9.44 -14.30
N PRO A 202 8.65 10.01 -13.55
CA PRO A 202 10.04 9.54 -13.67
C PRO A 202 10.22 8.06 -13.40
N GLU A 203 11.15 7.48 -14.13
CA GLU A 203 11.45 6.08 -13.97
C GLU A 203 12.25 5.97 -12.69
N ARG A 204 12.04 4.94 -11.89
CA ARG A 204 12.83 4.77 -10.67
C ARG A 204 13.42 3.39 -10.71
N ARG A 205 14.62 3.26 -10.20
CA ARG A 205 15.32 2.00 -10.19
C ARG A 205 14.68 1.13 -9.17
N PRO A 206 14.67 -0.20 -9.43
CA PRO A 206 14.11 -1.21 -8.55
C PRO A 206 14.85 -1.06 -7.22
N PHE A 207 14.17 -1.30 -6.11
CA PHE A 207 14.75 -1.19 -4.78
C PHE A 207 15.10 -2.56 -4.32
N THR A 208 16.36 -2.95 -4.39
CA THR A 208 16.70 -4.31 -4.03
C THR A 208 16.94 -4.49 -2.56
N ALA A 209 17.07 -5.74 -2.17
CA ALA A 209 17.28 -6.05 -0.78
C ALA A 209 18.73 -5.72 -0.40
N GLU A 210 19.64 -5.73 -1.38
CA GLU A 210 21.03 -5.45 -1.11
C GLU A 210 21.10 -3.96 -0.73
N HIS A 211 20.31 -3.19 -1.45
CA HIS A 211 20.24 -1.75 -1.27
C HIS A 211 19.63 -1.38 0.10
N ARG A 212 18.65 -2.13 0.56
CA ARG A 212 18.09 -1.89 1.89
C ARG A 212 19.17 -2.08 2.98
N ARG A 213 19.93 -3.16 2.84
CA ARG A 213 21.02 -3.49 3.77
C ARG A 213 22.11 -2.42 3.80
N ARG A 214 22.39 -1.84 2.65
CA ARG A 214 23.38 -0.78 2.58
C ARG A 214 22.85 0.45 3.31
N ILE A 215 21.52 0.72 3.22
CA ILE A 215 20.96 1.90 3.89
C ILE A 215 21.06 1.65 5.40
N LEU A 216 20.97 0.39 5.81
CA LEU A 216 21.06 0.09 7.21
C LEU A 216 22.53 0.29 7.78
N SER A 217 23.49 0.36 6.87
CA SER A 217 24.86 0.56 7.20
C SER A 217 25.01 1.91 7.91
N LEU A 218 24.05 2.80 7.74
CA LEU A 218 24.14 4.09 8.40
C LEU A 218 23.96 3.92 9.95
N GLY A 219 23.78 2.68 10.40
CA GLY A 219 23.58 2.37 11.81
C GLY A 219 24.94 2.52 12.45
N GLN A 220 25.98 2.40 11.61
CA GLN A 220 27.37 2.52 12.01
C GLN A 220 27.80 3.98 12.24
N VAL A 221 27.16 4.91 11.54
CA VAL A 221 27.57 6.30 11.61
C VAL A 221 26.59 7.35 12.17
N ILE A 222 25.30 6.98 12.36
CA ILE A 222 24.34 7.90 12.92
C ILE A 222 24.79 8.27 14.39
N GLU A 223 24.61 9.55 14.77
CA GLU A 223 24.95 10.15 16.07
C GLU A 223 23.79 11.09 16.39
N ARG A 224 23.64 11.48 17.63
CA ARG A 224 22.58 12.36 17.93
C ARG A 224 22.78 13.71 17.25
N GLU A 225 24.03 14.10 17.00
CA GLU A 225 24.31 15.35 16.31
C GLU A 225 24.14 15.29 14.74
N ASN A 226 23.87 14.12 14.19
CA ASN A 226 23.60 14.06 12.78
C ASN A 226 22.28 13.30 12.48
N PHE A 227 21.47 13.05 13.51
CA PHE A 227 20.19 12.32 13.39
C PHE A 227 19.30 12.97 12.32
N ARG A 228 19.07 14.26 12.49
CA ARG A 228 18.33 15.11 11.63
C ARG A 228 18.88 15.03 10.18
N ASP A 229 20.20 15.16 9.99
CA ASP A 229 20.83 15.06 8.67
C ASP A 229 20.47 13.71 7.98
N ILE A 230 20.47 12.60 8.72
CA ILE A 230 20.17 11.31 8.16
C ILE A 230 18.69 11.20 7.74
N LEU A 231 17.79 11.75 8.55
CA LEU A 231 16.32 11.82 8.29
C LEU A 231 16.10 12.42 6.87
N PHE A 232 16.77 13.54 6.60
CA PHE A 232 16.64 14.26 5.35
C PHE A 232 17.21 13.50 4.20
N LEU A 233 18.29 12.77 4.46
CA LEU A 233 18.97 11.95 3.46
C LEU A 233 18.13 10.76 3.06
N LEU A 234 17.53 10.09 4.05
CA LEU A 234 16.72 8.92 3.82
C LEU A 234 15.44 9.27 3.04
N SER A 235 14.88 10.44 3.34
CA SER A 235 13.71 11.00 2.71
C SER A 235 13.90 11.18 1.16
N LYS A 236 15.15 11.19 0.70
CA LYS A 236 15.41 11.41 -0.71
C LYS A 236 15.41 10.17 -1.52
N VAL A 237 15.65 9.04 -0.85
CA VAL A 237 15.77 7.77 -1.56
C VAL A 237 14.60 7.41 -2.48
N HIS A 238 13.35 7.63 -2.01
CA HIS A 238 12.23 7.20 -2.80
C HIS A 238 12.02 7.95 -4.13
N TYR A 239 12.66 9.09 -4.33
CA TYR A 239 12.53 9.82 -5.55
C TYR A 239 13.34 9.16 -6.65
N LYS A 240 14.31 8.36 -6.25
CA LYS A 240 15.14 7.77 -7.26
C LYS A 240 14.96 6.25 -7.35
N TYR A 241 14.51 5.62 -6.28
CA TYR A 241 14.32 4.17 -6.19
C TYR A 241 12.84 3.93 -5.94
N ASP A 242 12.39 2.75 -6.34
CA ASP A 242 11.00 2.32 -6.33
C ASP A 242 10.56 1.69 -4.98
N VAL A 243 10.32 2.56 -4.01
CA VAL A 243 10.00 2.15 -2.66
C VAL A 243 9.03 3.20 -2.05
N HIS A 244 8.11 2.76 -1.20
CA HIS A 244 7.19 3.73 -0.68
C HIS A 244 7.97 4.74 0.15
N PRO A 245 7.54 5.99 0.14
CA PRO A 245 8.30 6.91 0.96
C PRO A 245 8.14 6.69 2.49
N SER A 246 7.06 6.05 2.93
CA SER A 246 6.93 5.84 4.36
C SER A 246 8.06 4.96 4.96
N GLU A 247 8.76 4.26 4.08
CA GLU A 247 9.83 3.38 4.56
C GLU A 247 11.01 4.14 5.14
N THR A 248 11.04 5.41 4.82
CA THR A 248 12.03 6.33 5.33
C THR A 248 12.08 6.08 6.86
N TYR A 249 10.90 6.06 7.49
CA TYR A 249 10.77 5.92 8.90
C TYR A 249 11.13 4.56 9.51
N ASP A 250 10.94 3.51 8.73
CA ASP A 250 11.25 2.17 9.15
C ASP A 250 12.76 2.05 9.14
N TRP A 251 13.38 2.62 8.10
CA TRP A 251 14.83 2.60 7.97
C TRP A 251 15.45 3.35 9.15
N LEU A 252 14.98 4.56 9.42
CA LEU A 252 15.50 5.34 10.48
C LEU A 252 15.35 4.60 11.82
N ILE A 253 14.25 3.87 12.04
CA ILE A 253 14.10 3.19 13.30
C ILE A 253 15.10 2.04 13.40
N GLU A 254 15.30 1.33 12.30
CA GLU A 254 16.21 0.19 12.29
C GLU A 254 17.67 0.63 12.42
N ILE A 255 18.00 1.75 11.77
CA ILE A 255 19.33 2.31 11.77
C ILE A 255 19.61 2.67 13.22
N SER A 256 18.58 3.17 13.87
CA SER A 256 18.64 3.56 15.26
C SER A 256 18.91 2.35 16.16
N LYS A 257 18.19 1.24 15.94
CA LYS A 257 18.43 0.05 16.74
C LYS A 257 19.83 -0.47 16.51
N GLN A 258 20.26 -0.43 15.27
CA GLN A 258 21.61 -0.90 14.92
C GLN A 258 22.64 -0.09 15.67
N ALA A 259 22.30 1.16 15.91
CA ALA A 259 23.15 2.05 16.63
C ALA A 259 23.18 1.78 18.16
N GLY A 260 22.24 0.99 18.70
CA GLY A 260 22.18 0.71 20.13
C GLY A 260 21.71 1.88 20.99
N ASP A 261 21.38 3.02 20.39
CA ASP A 261 20.91 4.17 21.12
C ASP A 261 19.37 4.22 21.35
N GLU A 262 19.01 3.82 22.56
CA GLU A 262 17.64 3.70 22.99
C GLU A 262 16.85 5.01 22.85
N LYS A 263 17.45 6.15 23.21
CA LYS A 263 16.73 7.41 23.05
C LYS A 263 16.49 7.74 21.57
N MET A 264 17.39 7.27 20.69
CA MET A 264 17.27 7.49 19.27
C MET A 264 16.09 6.70 18.75
N VAL A 265 15.99 5.42 19.11
CA VAL A 265 14.91 4.49 18.73
C VAL A 265 13.54 5.11 19.13
N VAL A 266 13.44 5.55 20.38
CA VAL A 266 12.27 6.21 20.83
C VAL A 266 11.99 7.43 19.99
N LYS A 267 12.97 8.25 19.64
CA LYS A 267 12.72 9.46 18.84
C LYS A 267 12.33 9.20 17.36
N ALA A 268 12.91 8.17 16.79
CA ALA A 268 12.62 7.74 15.43
C ALA A 268 11.18 7.17 15.41
N GLU A 269 10.71 6.60 16.52
CA GLU A 269 9.35 6.07 16.55
C GLU A 269 8.34 7.18 16.69
N GLN A 270 8.70 8.21 17.44
CA GLN A 270 7.79 9.33 17.58
C GLN A 270 7.72 10.08 16.23
N ILE A 271 8.81 10.14 15.49
CA ILE A 271 8.81 10.93 14.25
C ILE A 271 7.93 10.28 13.19
N ARG A 272 7.95 8.96 13.21
CA ARG A 272 7.20 8.14 12.30
C ARG A 272 5.69 8.21 12.65
N ASP A 273 5.36 8.28 13.94
CA ASP A 273 3.97 8.30 14.35
C ASP A 273 3.42 9.66 14.02
N PHE A 274 4.29 10.65 14.05
CA PHE A 274 3.93 12.01 13.70
C PHE A 274 3.81 12.18 12.17
N ALA A 275 4.70 11.54 11.39
CA ALA A 275 4.69 11.72 9.96
C ALA A 275 3.65 10.91 9.22
N VAL A 276 3.50 9.61 9.54
CA VAL A 276 2.48 8.82 8.84
C VAL A 276 1.19 8.50 9.65
N GLU A 277 1.09 9.04 10.86
CA GLU A 277 -0.05 8.77 11.74
C GLU A 277 -0.66 10.08 12.21
N ALA A 278 -0.08 11.19 11.78
CA ALA A 278 -0.56 12.48 12.19
C ALA A 278 -0.56 12.63 13.71
N ARG A 279 -0.07 11.60 14.40
CA ARG A 279 0.00 11.62 15.86
C ARG A 279 0.81 12.81 16.38
N ALA A 280 0.15 13.71 17.10
CA ALA A 280 0.77 14.91 17.66
C ALA A 280 2.09 14.64 18.38
N LEU A 281 3.07 15.49 18.11
CA LEU A 281 4.38 15.34 18.72
C LEU A 281 4.36 16.16 20.00
N SER A 282 4.97 15.63 21.06
CA SER A 282 5.03 16.35 22.32
C SER A 282 5.45 17.81 22.12
N GLU A 283 5.03 18.70 23.01
CA GLU A 283 5.43 20.10 22.91
C GLU A 283 6.70 20.11 23.72
N ARG A 284 7.78 20.56 23.10
CA ARG A 284 9.10 20.60 23.71
C ARG A 284 9.91 19.47 23.09
N PHE A 285 9.25 18.69 22.22
CA PHE A 285 9.91 17.59 21.52
C PHE A 285 10.94 18.24 20.65
N SER A 286 12.15 17.74 20.73
CA SER A 286 13.19 18.35 19.95
C SER A 286 14.01 17.34 19.23
N LEU A 287 14.27 17.62 17.96
CA LEU A 287 15.08 16.76 17.10
C LEU A 287 16.57 16.90 17.44
N THR A 288 16.90 17.80 18.36
CA THR A 288 18.30 18.04 18.67
C THR A 288 18.52 18.39 20.14
N SER A 289 17.95 17.54 20.99
CA SER A 289 18.07 17.66 22.43
C SER A 289 17.30 16.44 22.91
N TRP A 290 18.11 15.43 23.21
CA TRP A 290 17.73 14.08 23.60
C TRP A 290 17.44 13.81 25.04
N MET B 1 -2.66 -14.58 16.63
CA MET B 1 -3.42 -15.56 15.81
C MET B 1 -3.31 -16.89 16.50
N ARG B 2 -4.21 -17.82 16.19
CA ARG B 2 -4.15 -19.12 16.82
C ARG B 2 -3.23 -20.07 16.09
N SER B 3 -2.71 -19.64 14.95
CA SER B 3 -1.79 -20.48 14.19
C SER B 3 -0.37 -20.09 14.58
N HIS B 4 0.59 -20.97 14.33
CA HIS B 4 2.00 -20.72 14.68
C HIS B 4 2.92 -21.84 14.16
N ILE B 5 4.22 -21.60 14.13
CA ILE B 5 5.14 -22.62 13.65
C ILE B 5 5.19 -23.80 14.61
N LEU B 6 5.37 -25.00 14.07
CA LEU B 6 5.47 -26.21 14.89
C LEU B 6 6.87 -26.84 14.86
N GLY B 7 7.84 -26.16 14.25
CA GLY B 7 9.17 -26.71 14.17
C GLY B 7 9.48 -27.10 12.74
N LYS B 8 10.62 -26.61 12.23
CA LYS B 8 11.10 -26.83 10.87
C LYS B 8 11.77 -28.19 10.69
N ILE B 9 12.20 -28.43 9.45
CA ILE B 9 12.96 -29.61 9.05
C ILE B 9 13.55 -29.14 7.73
N GLU B 10 14.82 -29.36 7.45
CA GLU B 10 15.26 -28.88 6.16
C GLU B 10 15.16 -29.98 5.12
N LEU B 11 14.56 -29.58 4.01
CA LEU B 11 14.28 -30.45 2.91
C LEU B 11 15.47 -30.67 2.05
N ASP B 12 15.62 -31.93 1.65
CA ASP B 12 16.68 -32.38 0.77
C ASP B 12 16.17 -32.07 -0.63
N GLN B 13 16.40 -30.83 -1.09
CA GLN B 13 15.95 -30.43 -2.40
C GLN B 13 16.42 -31.28 -3.59
N THR B 14 17.01 -32.45 -3.36
CA THR B 14 17.41 -33.29 -4.49
C THR B 14 16.56 -34.57 -4.52
N ARG B 15 16.24 -35.14 -3.36
CA ARG B 15 15.37 -36.31 -3.38
C ARG B 15 13.94 -35.82 -3.65
N LEU B 16 13.71 -34.50 -3.49
CA LEU B 16 12.41 -33.87 -3.64
C LEU B 16 12.07 -33.39 -5.01
N ALA B 17 13.07 -33.13 -5.82
CA ALA B 17 12.77 -32.66 -7.17
C ALA B 17 11.91 -33.66 -7.94
N PRO B 18 12.27 -34.96 -7.94
CA PRO B 18 11.44 -35.90 -8.70
C PRO B 18 9.97 -35.98 -8.17
N ASP B 19 9.77 -36.09 -6.86
CA ASP B 19 8.41 -36.14 -6.31
C ASP B 19 7.63 -34.92 -6.79
N LEU B 20 8.22 -33.75 -6.62
CA LEU B 20 7.54 -32.57 -7.08
C LEU B 20 7.15 -32.76 -8.55
N ALA B 21 8.03 -33.37 -9.33
CA ALA B 21 7.72 -33.55 -10.74
C ALA B 21 6.55 -34.54 -10.89
N TYR B 22 6.48 -35.51 -10.00
CA TYR B 22 5.40 -36.46 -10.06
C TYR B 22 4.05 -35.71 -9.81
N LEU B 23 3.91 -35.17 -8.59
CA LEU B 23 2.72 -34.41 -8.15
C LEU B 23 2.23 -33.38 -9.19
N ALA B 24 3.14 -32.84 -9.97
CA ALA B 24 2.79 -31.85 -10.93
C ALA B 24 2.22 -32.37 -12.21
N ALA B 25 2.48 -33.63 -12.54
CA ALA B 25 1.91 -34.11 -13.80
C ALA B 25 0.72 -35.06 -13.67
N VAL B 26 0.47 -35.63 -12.49
CA VAL B 26 -0.64 -36.56 -12.40
C VAL B 26 -2.00 -35.94 -12.64
N PRO B 27 -2.90 -36.71 -13.26
CA PRO B 27 -4.26 -36.23 -13.51
C PRO B 27 -4.92 -36.36 -12.14
N THR B 28 -5.90 -35.49 -11.88
CA THR B 28 -6.60 -35.51 -10.62
C THR B 28 -7.98 -34.97 -10.81
N VAL B 29 -8.07 -33.94 -11.66
CA VAL B 29 -9.32 -33.22 -11.95
C VAL B 29 -10.13 -32.77 -10.72
N GLU B 30 -10.80 -31.62 -10.88
CA GLU B 30 -11.60 -31.05 -9.78
C GLU B 30 -12.70 -30.11 -10.29
N GLU B 35 -16.59 -22.93 -6.64
CA GLU B 35 -17.56 -21.82 -6.56
C GLU B 35 -16.93 -20.49 -6.14
N PHE B 36 -16.12 -20.53 -5.08
CA PHE B 36 -15.38 -19.37 -4.59
C PHE B 36 -13.90 -19.56 -5.00
N SER B 37 -13.60 -20.68 -5.62
CA SER B 37 -12.23 -20.88 -6.00
C SER B 37 -12.03 -20.26 -7.37
N ASN B 38 -10.79 -19.82 -7.59
CA ASN B 38 -10.30 -19.16 -8.81
C ASN B 38 -8.84 -19.55 -8.91
N GLY B 39 -8.22 -19.12 -10.00
CA GLY B 39 -6.82 -19.39 -10.28
C GLY B 39 -6.53 -20.88 -10.35
N PHE B 40 -5.26 -21.24 -10.18
CA PHE B 40 -4.86 -22.63 -10.22
C PHE B 40 -4.69 -23.25 -8.83
N TRP B 41 -5.25 -24.43 -8.66
CA TRP B 41 -5.12 -25.23 -7.44
C TRP B 41 -5.16 -26.70 -7.86
N LYS B 42 -4.49 -27.55 -7.12
CA LYS B 42 -4.47 -28.98 -7.40
C LYS B 42 -4.07 -29.69 -6.12
N HIS B 43 -4.71 -30.81 -5.85
CA HIS B 43 -4.42 -31.60 -4.66
C HIS B 43 -4.17 -33.05 -5.08
N VAL B 44 -3.23 -33.68 -4.41
CA VAL B 44 -2.94 -35.06 -4.69
C VAL B 44 -3.12 -35.83 -3.40
N PRO B 45 -4.14 -36.70 -3.34
CA PRO B 45 -4.39 -37.49 -2.12
C PRO B 45 -3.22 -38.43 -2.00
N LEU B 46 -2.68 -38.51 -0.81
CA LEU B 46 -1.53 -39.38 -0.56
C LEU B 46 -1.99 -40.46 0.42
N TRP B 47 -2.50 -40.00 1.57
CA TRP B 47 -3.02 -40.87 2.62
C TRP B 47 -4.43 -40.49 3.03
N ASN B 48 -5.38 -41.39 2.76
CA ASN B 48 -6.79 -41.21 3.09
C ASN B 48 -7.12 -41.99 4.38
N ALA B 49 -8.22 -41.60 5.06
CA ALA B 49 -8.62 -42.30 6.27
C ALA B 49 -10.09 -42.76 6.22
N PRO B 68 -3.34 -44.07 2.28
CA PRO B 68 -2.23 -44.52 1.41
C PRO B 68 -2.72 -44.73 -0.01
N THR B 69 -1.96 -44.31 -1.01
CA THR B 69 -2.45 -44.45 -2.38
C THR B 69 -1.40 -44.73 -3.41
N ALA B 70 -1.87 -45.15 -4.57
CA ALA B 70 -1.00 -45.49 -5.69
C ALA B 70 0.06 -44.42 -5.89
N HIS B 71 -0.20 -43.24 -5.37
CA HIS B 71 0.74 -42.16 -5.49
C HIS B 71 1.93 -42.26 -4.51
N VAL B 72 1.67 -42.57 -3.24
CA VAL B 72 2.72 -42.64 -2.21
C VAL B 72 4.08 -43.21 -2.59
N GLU B 73 4.11 -44.37 -3.23
CA GLU B 73 5.39 -44.97 -3.60
C GLU B 73 6.10 -44.29 -4.78
N HIS B 74 5.41 -43.45 -5.55
CA HIS B 74 6.13 -42.75 -6.61
C HIS B 74 6.65 -41.42 -6.05
N VAL B 75 6.35 -41.21 -4.76
CA VAL B 75 6.84 -40.03 -4.04
C VAL B 75 7.62 -40.52 -2.81
N PRO B 76 8.73 -41.26 -3.05
CA PRO B 76 9.66 -41.88 -2.08
C PRO B 76 10.05 -40.98 -0.90
N TYR B 77 10.56 -39.79 -1.24
CA TYR B 77 11.02 -38.81 -0.26
C TYR B 77 9.88 -38.24 0.55
N LEU B 78 8.87 -37.72 -0.15
CA LEU B 78 7.73 -37.18 0.57
C LEU B 78 7.25 -38.30 1.45
N LYS B 79 7.18 -39.52 0.91
CA LYS B 79 6.72 -40.64 1.73
C LYS B 79 7.56 -40.80 2.99
N GLU B 80 8.88 -40.62 2.86
CA GLU B 80 9.74 -40.75 4.03
C GLU B 80 9.43 -39.79 5.16
N ILE B 81 9.18 -38.55 4.76
CA ILE B 81 8.90 -37.45 5.66
C ILE B 81 7.61 -37.57 6.47
N VAL B 82 6.54 -38.00 5.82
CA VAL B 82 5.29 -38.10 6.55
C VAL B 82 5.35 -39.31 7.44
N THR B 83 6.12 -40.29 7.00
CA THR B 83 6.29 -41.54 7.72
C THR B 83 7.07 -41.45 9.02
N THR B 84 8.20 -40.76 8.98
CA THR B 84 9.11 -40.63 10.11
C THR B 84 9.09 -39.33 10.92
N VAL B 85 8.72 -38.23 10.29
CA VAL B 85 8.66 -36.95 11.00
C VAL B 85 7.36 -36.89 11.78
N PHE B 86 6.41 -37.71 11.36
CA PHE B 86 5.09 -37.74 11.98
C PHE B 86 4.72 -39.08 12.62
N ASP B 87 3.91 -38.97 13.67
CA ASP B 87 3.42 -40.10 14.42
C ASP B 87 1.94 -40.35 14.00
N GLY B 88 1.70 -41.46 13.31
CA GLY B 88 0.35 -41.78 12.87
C GLY B 88 -0.66 -42.14 13.95
N THR B 89 -0.31 -41.98 15.22
CA THR B 89 -1.23 -42.29 16.32
C THR B 89 -2.39 -41.28 16.36
N HIS B 90 -2.90 -40.93 15.17
CA HIS B 90 -3.99 -39.97 14.98
C HIS B 90 -3.83 -39.24 13.64
N LEU B 91 -3.11 -39.85 12.71
CA LEU B 91 -2.86 -39.26 11.39
C LEU B 91 -4.09 -39.47 10.52
N GLN B 92 -4.99 -38.48 10.47
CA GLN B 92 -6.24 -38.60 9.69
C GLN B 92 -6.01 -38.69 8.19
N MET B 93 -5.13 -37.84 7.69
CA MET B 93 -4.82 -37.87 6.26
C MET B 93 -3.80 -36.84 5.86
N ALA B 94 -3.31 -37.00 4.65
CA ALA B 94 -2.31 -36.12 4.08
C ALA B 94 -2.45 -36.03 2.59
N ARG B 95 -2.27 -34.81 2.08
CA ARG B 95 -2.35 -34.58 0.64
C ARG B 95 -1.41 -33.45 0.28
N SER B 96 -1.23 -33.28 -1.01
CA SER B 96 -0.42 -32.20 -1.49
C SER B 96 -1.39 -31.14 -2.07
N ARG B 97 -1.09 -29.88 -1.82
CA ARG B 97 -1.93 -28.78 -2.27
C ARG B 97 -1.05 -27.74 -2.90
N ASN B 98 -1.34 -27.41 -4.14
CA ASN B 98 -0.61 -26.40 -4.92
C ASN B 98 -1.57 -25.27 -5.27
N LEU B 99 -1.05 -24.09 -5.53
CA LEU B 99 -1.89 -22.95 -5.78
C LEU B 99 -1.09 -21.92 -6.58
N LYS B 100 -1.59 -21.52 -7.74
CA LYS B 100 -0.92 -20.49 -8.57
C LYS B 100 -1.92 -19.39 -8.96
N ASN B 101 -1.51 -18.13 -8.87
CA ASN B 101 -2.35 -16.95 -9.18
C ASN B 101 -3.76 -17.20 -8.66
N ALA B 102 -3.81 -17.56 -7.38
CA ALA B 102 -5.04 -17.90 -6.71
C ALA B 102 -5.18 -17.34 -5.33
N ILE B 103 -6.43 -17.16 -4.97
CA ILE B 103 -6.76 -16.69 -3.66
C ILE B 103 -7.96 -17.44 -3.11
N VAL B 104 -7.82 -17.87 -1.85
CA VAL B 104 -8.87 -18.54 -1.11
C VAL B 104 -9.55 -17.33 -0.41
N ILE B 105 -10.84 -17.02 -0.66
CA ILE B 105 -11.44 -15.88 0.05
C ILE B 105 -11.36 -16.12 1.57
N PRO B 106 -11.17 -15.04 2.34
CA PRO B 106 -11.08 -15.22 3.79
C PRO B 106 -12.39 -15.74 4.43
N HIS B 107 -12.23 -16.79 5.24
CA HIS B 107 -13.32 -17.49 5.90
C HIS B 107 -12.85 -18.24 7.16
N ARG B 108 -13.82 -18.73 7.95
CA ARG B 108 -13.57 -19.56 9.12
C ARG B 108 -14.44 -20.74 8.72
N ASP B 109 -13.94 -21.96 8.97
CA ASP B 109 -14.59 -23.20 8.57
C ASP B 109 -15.79 -23.59 9.38
N PHE B 110 -15.88 -23.09 10.59
CA PHE B 110 -17.00 -23.40 11.44
C PHE B 110 -16.84 -22.44 12.58
N VAL B 111 -17.77 -22.48 13.52
CA VAL B 111 -17.76 -21.59 14.68
C VAL B 111 -17.29 -22.31 15.94
N TYR B 120 -10.17 -30.00 14.69
CA TYR B 120 -9.12 -31.04 14.63
C TYR B 120 -7.72 -30.43 14.76
N PHE B 121 -6.77 -30.92 13.97
CA PHE B 121 -5.41 -30.37 14.01
C PHE B 121 -4.79 -30.36 12.61
N ARG B 122 -4.70 -29.18 12.00
CA ARG B 122 -4.12 -29.06 10.67
C ARG B 122 -2.71 -28.49 10.69
N THR B 123 -1.80 -29.17 10.00
CA THR B 123 -0.45 -28.67 9.88
C THR B 123 -0.22 -28.48 8.39
N PHE B 124 0.76 -27.65 8.05
CA PHE B 124 1.00 -27.36 6.66
C PHE B 124 2.48 -27.11 6.51
N MET B 125 3.02 -27.60 5.38
CA MET B 125 4.43 -27.47 5.05
C MET B 125 4.65 -27.10 3.61
N VAL B 126 5.13 -25.89 3.37
CA VAL B 126 5.39 -25.52 1.99
C VAL B 126 6.66 -26.29 1.65
N LEU B 127 6.75 -26.70 0.40
CA LEU B 127 7.89 -27.47 -0.08
C LEU B 127 8.78 -26.73 -1.08
N GLU B 128 8.33 -25.59 -1.55
CA GLU B 128 9.08 -24.82 -2.52
C GLU B 128 9.06 -23.39 -2.02
N ASP B 129 10.03 -22.60 -2.46
CA ASP B 129 10.15 -21.19 -2.13
C ASP B 129 9.34 -20.46 -3.19
N SER B 130 8.19 -19.96 -2.79
CA SER B 130 7.34 -19.27 -3.72
C SER B 130 7.24 -18.00 -2.91
N PRO B 131 7.94 -16.94 -3.35
CA PRO B 131 8.00 -15.63 -2.69
C PRO B 131 6.74 -14.83 -2.59
N LEU B 132 5.81 -15.04 -3.50
CA LEU B 132 4.59 -14.29 -3.50
C LEU B 132 3.38 -15.10 -3.00
N ALA B 133 3.67 -16.20 -2.31
CA ALA B 133 2.63 -17.04 -1.74
C ALA B 133 2.51 -16.71 -0.23
N PHE B 134 1.31 -16.40 0.22
CA PHE B 134 1.08 -16.04 1.62
C PHE B 134 -0.14 -16.72 2.21
N HIS B 135 -0.23 -16.69 3.54
CA HIS B 135 -1.37 -17.23 4.28
C HIS B 135 -1.73 -16.11 5.26
N SER B 136 -2.98 -16.00 5.65
CA SER B 136 -3.30 -14.97 6.66
C SER B 136 -4.22 -15.61 7.69
N ASN B 137 -4.22 -15.07 8.89
CA ASN B 137 -5.11 -15.64 9.90
C ASN B 137 -5.40 -14.56 10.91
N GLU B 138 -6.69 -14.22 11.01
CA GLU B 138 -7.18 -13.20 11.91
C GLU B 138 -6.40 -11.93 11.78
N ASP B 139 -5.54 -11.56 12.71
CA ASP B 139 -4.89 -10.30 12.42
C ASP B 139 -3.44 -10.30 12.07
N THR B 140 -2.96 -11.42 11.52
CA THR B 140 -1.59 -11.41 11.03
C THR B 140 -1.43 -12.19 9.73
N VAL B 141 -0.45 -11.75 8.96
CA VAL B 141 -0.15 -12.35 7.69
C VAL B 141 1.16 -13.06 7.80
N ILE B 142 1.15 -14.28 7.29
CA ILE B 142 2.29 -15.18 7.33
C ILE B 142 2.91 -15.48 5.97
N HIS B 143 4.22 -15.70 5.98
CA HIS B 143 4.91 -16.17 4.80
C HIS B 143 5.67 -17.43 5.09
N MET B 144 5.04 -18.57 4.96
CA MET B 144 5.69 -19.84 5.20
C MET B 144 6.93 -20.08 4.32
N ARG B 145 8.04 -20.45 4.99
CA ARG B 145 9.34 -20.74 4.31
C ARG B 145 9.41 -22.29 4.26
N PRO B 146 9.98 -22.89 3.16
CA PRO B 146 10.08 -24.36 3.00
C PRO B 146 10.55 -25.17 4.19
N GLY B 147 9.76 -26.18 4.53
CA GLY B 147 10.14 -27.07 5.59
C GLY B 147 9.55 -26.78 6.94
N GLU B 148 9.19 -25.52 7.22
CA GLU B 148 8.60 -25.24 8.52
C GLU B 148 7.31 -26.02 8.61
N ILE B 149 6.92 -26.43 9.80
CA ILE B 149 5.66 -27.14 9.94
C ILE B 149 4.70 -26.25 10.73
N TRP B 150 3.69 -25.73 10.03
CA TRP B 150 2.73 -24.85 10.64
C TRP B 150 1.43 -25.47 11.07
N PHE B 151 0.85 -24.85 12.08
CA PHE B 151 -0.44 -25.25 12.56
C PHE B 151 -1.32 -24.10 12.04
N LEU B 152 -2.39 -24.41 11.32
CA LEU B 152 -3.26 -23.35 10.82
C LEU B 152 -4.61 -23.52 11.47
N ASP B 153 -5.05 -22.53 12.24
CA ASP B 153 -6.36 -22.65 12.89
C ASP B 153 -7.60 -22.53 11.99
N ALA B 154 -8.47 -23.54 11.96
CA ALA B 154 -9.68 -23.50 11.13
C ALA B 154 -10.80 -22.65 11.75
N ALA B 155 -10.77 -22.47 13.07
CA ALA B 155 -11.82 -21.72 13.79
C ALA B 155 -11.85 -20.21 13.61
N THR B 156 -10.73 -19.62 13.23
CA THR B 156 -10.77 -18.18 12.97
C THR B 156 -10.64 -17.87 11.46
N VAL B 157 -10.94 -16.66 11.07
CA VAL B 157 -10.89 -16.24 9.67
C VAL B 157 -9.46 -16.35 9.13
N HIS B 158 -9.33 -17.15 8.06
CA HIS B 158 -8.07 -17.44 7.41
C HIS B 158 -8.17 -17.38 5.89
N SER B 159 -7.01 -17.22 5.26
CA SER B 159 -6.94 -17.12 3.83
C SER B 159 -5.56 -17.61 3.37
N ALA B 160 -5.47 -17.95 2.06
CA ALA B 160 -4.24 -18.36 1.42
C ALA B 160 -4.27 -17.79 0.05
N VAL B 161 -3.09 -17.45 -0.45
CA VAL B 161 -2.94 -16.81 -1.73
C VAL B 161 -1.57 -17.00 -2.39
N ASN B 162 -1.59 -16.96 -3.72
CA ASN B 162 -0.39 -16.97 -4.49
C ASN B 162 -0.57 -15.92 -5.52
N PHE B 163 0.20 -14.83 -5.39
CA PHE B 163 0.13 -13.68 -6.29
C PHE B 163 0.91 -13.85 -7.57
N SER B 164 1.45 -15.06 -7.77
CA SER B 164 2.23 -15.37 -8.94
C SER B 164 2.05 -16.80 -9.39
N GLU B 165 2.79 -17.14 -10.46
CA GLU B 165 2.78 -18.48 -11.07
C GLU B 165 3.79 -19.46 -10.45
N ILE B 166 4.77 -18.92 -9.73
CA ILE B 166 5.80 -19.75 -9.07
C ILE B 166 5.08 -20.84 -8.26
N SER B 167 5.40 -22.10 -8.55
CA SER B 167 4.80 -23.20 -7.88
C SER B 167 4.92 -23.12 -6.37
N ARG B 168 3.90 -23.63 -5.67
CA ARG B 168 3.91 -23.55 -4.21
C ARG B 168 3.38 -24.82 -3.63
N GLN B 169 3.97 -25.92 -4.11
CA GLN B 169 3.57 -27.25 -3.72
C GLN B 169 3.68 -27.36 -2.21
N SER B 170 2.69 -27.99 -1.60
CA SER B 170 2.67 -28.06 -0.15
C SER B 170 2.12 -29.37 0.34
N LEU B 171 2.60 -29.84 1.49
CA LEU B 171 2.11 -31.09 2.01
C LEU B 171 1.20 -30.76 3.18
N CYS B 172 -0.05 -31.14 3.04
CA CYS B 172 -1.05 -30.90 4.09
C CYS B 172 -1.27 -32.20 4.88
N VAL B 173 -0.85 -32.28 6.14
CA VAL B 173 -1.15 -33.51 6.90
C VAL B 173 -2.02 -33.16 8.09
N ASP B 174 -3.23 -33.72 8.08
CA ASP B 174 -4.24 -33.50 9.12
C ASP B 174 -4.17 -34.72 10.05
N PHE B 175 -4.38 -34.51 11.35
CA PHE B 175 -4.35 -35.61 12.28
C PHE B 175 -5.80 -35.84 12.72
N TYR B 193 10.14 -30.69 17.01
CA TYR B 193 9.13 -29.81 17.62
C TYR B 193 9.78 -28.60 18.25
N ALA B 194 9.60 -27.43 17.64
CA ALA B 194 10.16 -26.15 18.12
C ALA B 194 9.24 -24.96 17.85
N PRO B 195 8.54 -24.47 18.89
CA PRO B 195 7.60 -23.35 18.85
C PRO B 195 8.19 -21.94 18.81
N GLY B 196 9.30 -21.72 19.50
CA GLY B 196 9.90 -20.41 19.51
C GLY B 196 10.56 -19.99 18.21
N SER B 197 10.54 -20.86 17.21
CA SER B 197 11.13 -20.55 15.91
C SER B 197 10.51 -19.25 15.39
N THR B 198 11.36 -18.39 14.84
CA THR B 198 10.89 -17.12 14.30
C THR B 198 10.36 -17.24 12.85
N PRO B 199 9.06 -16.91 12.64
CA PRO B 199 8.38 -16.96 11.34
C PRO B 199 8.54 -15.67 10.54
N ASP B 200 8.38 -15.75 9.23
CA ASP B 200 8.44 -14.55 8.41
C ASP B 200 7.00 -14.00 8.51
N LEU B 201 6.82 -12.89 9.20
CA LEU B 201 5.52 -12.30 9.32
C LEU B 201 5.63 -10.94 8.62
N PRO B 202 5.53 -10.89 7.26
CA PRO B 202 5.66 -9.61 6.54
C PRO B 202 5.07 -8.43 7.29
N GLU B 203 5.65 -7.26 7.12
CA GLU B 203 5.10 -6.12 7.85
C GLU B 203 4.26 -5.31 6.89
N ARG B 204 2.94 -5.31 7.09
CA ARG B 204 1.97 -4.61 6.23
C ARG B 204 1.87 -3.10 6.44
N ARG B 205 1.46 -2.40 5.40
CA ARG B 205 1.29 -0.97 5.49
C ARG B 205 -0.05 -0.66 6.18
N PRO B 206 -0.21 0.56 6.73
CA PRO B 206 -1.41 1.05 7.43
C PRO B 206 -2.57 1.17 6.47
N PHE B 207 -3.73 0.72 6.88
CA PHE B 207 -4.91 0.84 6.09
C PHE B 207 -5.64 2.11 6.60
N THR B 208 -5.65 3.15 5.80
CA THR B 208 -6.26 4.43 6.15
C THR B 208 -7.73 4.63 5.63
N ALA B 209 -8.36 5.69 6.11
CA ALA B 209 -9.71 6.01 5.72
C ALA B 209 -9.73 6.46 4.23
N GLU B 210 -8.63 7.08 3.79
CA GLU B 210 -8.49 7.53 2.42
C GLU B 210 -8.47 6.31 1.49
N HIS B 211 -7.85 5.23 1.95
CA HIS B 211 -7.72 4.05 1.13
C HIS B 211 -9.05 3.34 1.07
N ARG B 212 -9.76 3.39 2.21
CA ARG B 212 -11.06 2.74 2.26
C ARG B 212 -11.97 3.42 1.27
N ARG B 213 -11.91 4.75 1.22
CA ARG B 213 -12.71 5.52 0.29
C ARG B 213 -12.35 5.15 -1.17
N ARG B 214 -11.06 5.15 -1.52
CA ARG B 214 -10.71 4.78 -2.90
C ARG B 214 -11.33 3.41 -3.21
N ILE B 215 -11.26 2.49 -2.25
CA ILE B 215 -11.80 1.17 -2.43
C ILE B 215 -13.32 1.22 -2.68
N LEU B 216 -14.06 2.09 -2.01
CA LEU B 216 -15.48 2.13 -2.27
C LEU B 216 -15.78 2.75 -3.64
N SER B 217 -14.75 3.19 -4.35
CA SER B 217 -14.96 3.77 -5.67
C SER B 217 -15.41 2.66 -6.64
N LEU B 218 -15.14 1.39 -6.27
CA LEU B 218 -15.51 0.24 -7.04
C LEU B 218 -17.01 0.20 -7.28
N GLY B 219 -17.74 1.03 -6.55
CA GLY B 219 -19.19 1.09 -6.68
C GLY B 219 -19.63 1.67 -8.01
N GLN B 220 -18.68 2.33 -8.67
CA GLN B 220 -18.87 2.94 -9.96
C GLN B 220 -18.66 1.99 -11.08
N VAL B 221 -18.14 0.80 -10.83
CA VAL B 221 -17.86 -0.13 -11.93
C VAL B 221 -18.33 -1.53 -11.76
N ILE B 222 -18.68 -1.88 -10.53
CA ILE B 222 -19.16 -3.22 -10.29
C ILE B 222 -20.37 -3.52 -11.27
N GLU B 223 -20.52 -4.75 -11.72
CA GLU B 223 -21.59 -5.15 -12.65
C GLU B 223 -21.77 -6.58 -12.24
N ARG B 224 -22.91 -7.18 -12.57
CA ARG B 224 -23.11 -8.58 -12.23
C ARG B 224 -22.07 -9.50 -12.84
N GLU B 225 -21.55 -9.16 -14.03
CA GLU B 225 -20.54 -10.01 -14.68
C GLU B 225 -19.12 -9.90 -14.12
N ASN B 226 -18.82 -8.86 -13.35
CA ASN B 226 -17.48 -8.77 -12.75
C ASN B 226 -17.56 -8.76 -11.20
N PHE B 227 -18.71 -9.18 -10.65
CA PHE B 227 -18.96 -9.20 -9.19
C PHE B 227 -17.96 -10.11 -8.48
N ARG B 228 -17.82 -11.30 -9.02
CA ARG B 228 -16.89 -12.28 -8.54
C ARG B 228 -15.45 -11.69 -8.58
N ASP B 229 -15.09 -11.05 -9.69
CA ASP B 229 -13.76 -10.55 -9.83
C ASP B 229 -13.48 -9.56 -8.73
N ILE B 230 -14.45 -8.71 -8.47
CA ILE B 230 -14.22 -7.72 -7.45
C ILE B 230 -14.09 -8.37 -6.03
N LEU B 231 -14.79 -9.45 -5.82
CA LEU B 231 -14.69 -10.18 -4.56
C LEU B 231 -13.23 -10.61 -4.34
N PHE B 232 -12.65 -11.16 -5.42
CA PHE B 232 -11.31 -11.72 -5.34
C PHE B 232 -10.28 -10.67 -5.24
N LEU B 233 -10.55 -9.50 -5.81
CA LEU B 233 -9.67 -8.34 -5.80
C LEU B 233 -9.62 -7.80 -4.33
N LEU B 234 -10.79 -7.62 -3.73
CA LEU B 234 -10.96 -7.15 -2.39
C LEU B 234 -10.29 -8.08 -1.35
N SER B 235 -10.43 -9.37 -1.55
CA SER B 235 -9.88 -10.34 -0.69
C SER B 235 -8.36 -10.21 -0.55
N LYS B 236 -7.74 -9.52 -1.49
CA LYS B 236 -6.31 -9.39 -1.51
C LYS B 236 -5.75 -8.25 -0.73
N VAL B 237 -6.54 -7.19 -0.56
CA VAL B 237 -6.09 -6.01 0.17
C VAL B 237 -5.33 -6.28 1.55
N HIS B 238 -5.89 -7.15 2.41
CA HIS B 238 -5.33 -7.39 3.72
C HIS B 238 -3.95 -8.04 3.77
N TYR B 239 -3.51 -8.65 2.67
CA TYR B 239 -2.20 -9.23 2.61
C TYR B 239 -1.14 -8.14 2.65
N LYS B 240 -1.44 -7.01 2.06
CA LYS B 240 -0.50 -5.96 2.00
C LYS B 240 -0.79 -4.83 2.95
N TYR B 241 -2.03 -4.70 3.37
CA TYR B 241 -2.35 -3.60 4.23
C TYR B 241 -2.82 -4.15 5.53
N ASP B 242 -2.53 -3.43 6.62
CA ASP B 242 -2.95 -3.86 7.95
C ASP B 242 -4.44 -3.71 8.20
N VAL B 243 -5.25 -4.65 7.72
CA VAL B 243 -6.68 -4.55 7.94
C VAL B 243 -7.23 -5.93 8.10
N HIS B 244 -8.14 -6.12 9.01
CA HIS B 244 -8.65 -7.45 9.22
C HIS B 244 -9.27 -8.01 7.91
N PRO B 245 -9.00 -9.29 7.59
CA PRO B 245 -9.52 -9.91 6.38
C PRO B 245 -11.04 -9.88 6.19
N SER B 246 -11.77 -10.01 7.29
CA SER B 246 -13.21 -9.99 7.24
C SER B 246 -13.76 -8.66 6.68
N GLU B 247 -13.00 -7.58 6.75
CA GLU B 247 -13.55 -6.32 6.29
C GLU B 247 -13.82 -6.33 4.78
N THR B 248 -13.29 -7.34 4.09
CA THR B 248 -13.47 -7.61 2.66
C THR B 248 -14.97 -7.56 2.38
N TYR B 249 -15.72 -8.31 3.19
CA TYR B 249 -17.17 -8.40 3.09
C TYR B 249 -17.95 -7.14 3.34
N ASP B 250 -17.39 -6.26 4.17
CA ASP B 250 -18.04 -5.00 4.41
C ASP B 250 -17.88 -4.08 3.23
N TRP B 251 -16.70 -4.08 2.58
CA TRP B 251 -16.47 -3.25 1.39
C TRP B 251 -17.42 -3.73 0.24
N LEU B 252 -17.49 -5.06 0.05
CA LEU B 252 -18.30 -5.65 -0.99
C LEU B 252 -19.74 -5.23 -0.82
N ILE B 253 -20.24 -5.28 0.42
CA ILE B 253 -21.61 -4.89 0.70
C ILE B 253 -21.86 -3.37 0.46
N GLU B 254 -20.88 -2.56 0.87
CA GLU B 254 -21.00 -1.13 0.72
C GLU B 254 -20.89 -0.77 -0.77
N ILE B 255 -20.09 -1.53 -1.49
CA ILE B 255 -19.87 -1.35 -2.94
C ILE B 255 -21.18 -1.69 -3.69
N SER B 256 -21.78 -2.81 -3.32
CA SER B 256 -23.02 -3.26 -3.91
C SER B 256 -24.13 -2.27 -3.67
N LYS B 257 -24.17 -1.64 -2.50
CA LYS B 257 -25.24 -0.68 -2.22
C LYS B 257 -25.06 0.57 -3.06
N GLN B 258 -23.84 1.03 -3.20
CA GLN B 258 -23.62 2.22 -4.01
C GLN B 258 -23.96 1.96 -5.47
N ALA B 259 -23.90 0.70 -5.87
CA ALA B 259 -24.20 0.30 -7.25
C ALA B 259 -25.72 0.43 -7.50
N GLY B 260 -26.50 0.27 -6.44
CA GLY B 260 -27.95 0.35 -6.54
C GLY B 260 -28.53 -0.90 -7.16
N ASP B 261 -27.97 -2.05 -6.81
CA ASP B 261 -28.39 -3.35 -7.36
C ASP B 261 -28.64 -4.30 -6.19
N GLU B 262 -29.91 -4.39 -5.85
CA GLU B 262 -30.40 -5.19 -4.75
C GLU B 262 -30.04 -6.64 -4.83
N LYS B 263 -29.96 -7.19 -6.04
CA LYS B 263 -29.58 -8.58 -6.12
C LYS B 263 -28.06 -8.63 -5.65
N MET B 264 -27.29 -7.57 -5.87
CA MET B 264 -25.87 -7.58 -5.46
C MET B 264 -25.75 -7.48 -3.92
N VAL B 265 -26.53 -6.56 -3.35
CA VAL B 265 -26.53 -6.38 -1.91
C VAL B 265 -26.85 -7.69 -1.19
N VAL B 266 -27.88 -8.40 -1.62
CA VAL B 266 -28.32 -9.64 -0.98
C VAL B 266 -27.30 -10.72 -1.14
N LYS B 267 -26.61 -10.71 -2.27
CA LYS B 267 -25.58 -11.74 -2.56
C LYS B 267 -24.37 -11.56 -1.63
N ALA B 268 -23.94 -10.33 -1.47
CA ALA B 268 -22.83 -9.91 -0.65
C ALA B 268 -23.10 -10.33 0.78
N GLU B 269 -24.34 -10.11 1.24
CA GLU B 269 -24.73 -10.49 2.57
C GLU B 269 -24.61 -12.00 2.65
N GLN B 270 -25.06 -12.70 1.63
CA GLN B 270 -24.99 -14.13 1.76
C GLN B 270 -23.54 -14.58 1.88
N ILE B 271 -22.63 -13.93 1.13
CA ILE B 271 -21.23 -14.33 1.17
C ILE B 271 -20.60 -14.01 2.53
N ARG B 272 -20.90 -12.85 3.08
CA ARG B 272 -20.37 -12.51 4.38
C ARG B 272 -20.78 -13.53 5.48
N ASP B 273 -22.05 -13.96 5.47
CA ASP B 273 -22.58 -14.91 6.46
C ASP B 273 -21.91 -16.23 6.28
N PHE B 274 -21.74 -16.64 5.03
CA PHE B 274 -21.07 -17.89 4.74
C PHE B 274 -19.60 -17.82 5.14
N ALA B 275 -18.91 -16.76 4.75
CA ALA B 275 -17.50 -16.65 5.09
C ALA B 275 -17.18 -16.31 6.57
N VAL B 276 -17.85 -15.32 7.12
CA VAL B 276 -17.57 -14.88 8.48
C VAL B 276 -18.40 -15.61 9.56
N GLU B 277 -19.59 -16.07 9.23
CA GLU B 277 -20.45 -16.72 10.21
C GLU B 277 -20.63 -18.21 9.99
N ALA B 278 -20.08 -18.74 8.89
CA ALA B 278 -20.19 -20.15 8.63
C ALA B 278 -21.58 -20.60 8.31
N ARG B 279 -22.48 -19.67 8.02
CA ARG B 279 -23.86 -20.03 7.68
C ARG B 279 -23.77 -20.65 6.30
N ALA B 280 -24.57 -21.67 6.07
CA ALA B 280 -24.56 -22.36 4.81
C ALA B 280 -25.39 -21.66 3.77
N LEU B 281 -24.88 -21.66 2.54
CA LEU B 281 -25.56 -21.07 1.38
C LEU B 281 -26.48 -22.12 0.80
N SER B 282 -27.44 -21.68 0.03
CA SER B 282 -28.34 -22.63 -0.59
C SER B 282 -27.61 -23.32 -1.73
N GLU B 283 -28.22 -24.34 -2.32
CA GLU B 283 -27.63 -25.06 -3.45
C GLU B 283 -28.14 -24.30 -4.66
N ARG B 284 -29.00 -23.32 -4.40
CA ARG B 284 -29.55 -22.45 -5.44
C ARG B 284 -28.61 -21.26 -5.66
N PHE B 285 -27.62 -21.14 -4.77
CA PHE B 285 -26.65 -20.05 -4.78
C PHE B 285 -25.57 -20.07 -5.84
N SER B 286 -25.40 -18.92 -6.46
CA SER B 286 -24.35 -18.80 -7.43
C SER B 286 -23.92 -17.36 -7.60
N LEU B 287 -22.64 -17.20 -7.90
CA LEU B 287 -22.06 -15.89 -8.16
C LEU B 287 -22.21 -15.51 -9.65
N THR B 288 -22.66 -16.43 -10.49
CA THR B 288 -22.81 -16.16 -11.93
C THR B 288 -24.25 -16.17 -12.47
N SER B 289 -25.15 -16.80 -11.71
CA SER B 289 -26.58 -16.92 -12.07
C SER B 289 -27.41 -15.93 -11.26
N TRP B 290 -27.89 -14.85 -11.85
CA TRP B 290 -28.63 -13.88 -11.06
C TRP B 290 -30.17 -13.95 -11.15
S SO4 C . 5.46 22.51 -1.99
O1 SO4 C . 4.87 23.79 -2.48
O2 SO4 C . 5.37 22.43 -0.48
O3 SO4 C . 6.90 22.51 -2.35
O4 SO4 C . 4.77 21.35 -2.68
FE FE2 D . 2.09 18.76 3.81
FE FE2 E . -10.57 -23.17 5.58
#